data_9R2O
#
_entry.id   9R2O
#
_cell.length_a   112.710
_cell.length_b   38.250
_cell.length_c   77.470
_cell.angle_alpha   90.000
_cell.angle_beta   112.635
_cell.angle_gamma   90.000
#
_symmetry.space_group_name_H-M   'C 1 2 1'
#
loop_
_entity.id
_entity.type
_entity.pdbx_description
1 polymer N5
2 non-polymer 'THIOCYANATE ION'
3 non-polymer 'POTASSIUM ION'
4 water water
#
_entity_poly.entity_id   1
_entity_poly.type   'polypeptide(L)'
_entity_poly.pdbx_seq_one_letter_code
;SREETRDDDGTRELRYKNPFDGSEITIRSPRSEDFERVSTEVLLLELLETIGLLLSREELEELIKLLQEEYPEWTPDQAL
QWLRDTTEKTIKEAAEQGWNKEQAFELLLSSVPEKIAEYLKKLKEERETDEERRKQTEEDREEWEEELRERGYTISRGGS
GGSHHHHHH
;
_entity_poly.pdbx_strand_id   A,B
#
loop_
_chem_comp.id
_chem_comp.type
_chem_comp.name
_chem_comp.formula
K non-polymer 'POTASSIUM ION' 'K 1'
SCN non-polymer 'THIOCYANATE ION' 'C N S -1'
#
# COMPACT_ATOMS: atom_id res chain seq x y z
N ASP A 8 -9.57 3.19 -9.43
CA ASP A 8 -10.65 2.26 -9.12
C ASP A 8 -11.96 2.72 -9.76
N ASP A 9 -13.03 1.94 -9.54
CA ASP A 9 -14.35 2.36 -9.98
C ASP A 9 -14.79 3.64 -9.29
N GLY A 10 -14.36 3.84 -8.04
CA GLY A 10 -14.60 5.07 -7.32
C GLY A 10 -16.03 5.29 -6.87
N THR A 11 -16.96 4.38 -7.17
CA THR A 11 -18.36 4.58 -6.78
C THR A 11 -19.03 3.24 -6.58
N ARG A 12 -19.55 3.02 -5.38
CA ARG A 12 -20.40 1.87 -5.09
C ARG A 12 -21.80 2.13 -5.64
N GLU A 13 -22.52 1.05 -5.93
CA GLU A 13 -23.84 1.19 -6.52
C GLU A 13 -24.72 0.00 -6.17
N LEU A 14 -25.99 0.30 -5.89
CA LEU A 14 -27.06 -0.68 -5.80
C LEU A 14 -28.22 -0.19 -6.66
N ARG A 15 -28.67 -1.03 -7.58
CA ARG A 15 -29.70 -0.63 -8.55
C ARG A 15 -30.75 -1.72 -8.64
N TYR A 16 -32.01 -1.32 -8.65
CA TYR A 16 -33.11 -2.27 -8.70
C TYR A 16 -34.25 -1.71 -9.53
N LYS A 17 -34.80 -2.54 -10.41
CA LYS A 17 -35.95 -2.20 -11.24
C LYS A 17 -37.16 -2.98 -10.74
N ASN A 18 -38.20 -2.25 -10.34
CA ASN A 18 -39.38 -2.85 -9.73
C ASN A 18 -40.33 -3.39 -10.79
N PRO A 19 -40.53 -4.71 -10.85
CA PRO A 19 -41.45 -5.28 -11.85
C PRO A 19 -42.93 -5.04 -11.54
N PHE A 20 -43.26 -4.62 -10.32
CA PHE A 20 -44.65 -4.47 -9.90
C PHE A 20 -45.23 -3.11 -10.27
N ASP A 21 -44.48 -2.02 -10.02
CA ASP A 21 -44.95 -0.69 -10.34
C ASP A 21 -44.07 0.04 -11.35
N GLY A 22 -43.01 -0.59 -11.85
CA GLY A 22 -42.20 0.00 -12.88
C GLY A 22 -41.17 1.01 -12.42
N SER A 23 -41.14 1.33 -11.13
CA SER A 23 -40.18 2.31 -10.63
C SER A 23 -38.79 1.70 -10.55
N GLU A 24 -37.80 2.58 -10.44
CA GLU A 24 -36.40 2.15 -10.30
C GLU A 24 -35.71 3.07 -9.31
N ILE A 25 -34.76 2.50 -8.57
CA ILE A 25 -33.99 3.24 -7.59
C ILE A 25 -32.52 2.94 -7.80
N THR A 26 -31.69 3.97 -7.82
CA THR A 26 -30.25 3.86 -7.97
C THR A 26 -29.60 4.52 -6.76
N ILE A 27 -28.78 3.75 -6.04
CA ILE A 27 -28.15 4.20 -4.81
C ILE A 27 -26.64 4.09 -5.00
N ARG A 28 -25.94 5.23 -4.90
CA ARG A 28 -24.51 5.26 -5.13
C ARG A 28 -23.83 6.01 -3.98
N SER A 29 -22.54 5.71 -3.81
CA SER A 29 -21.76 6.38 -2.78
C SER A 29 -20.29 6.25 -3.15
N PRO A 30 -19.50 7.30 -3.00
CA PRO A 30 -18.10 7.23 -3.44
C PRO A 30 -17.27 6.36 -2.51
N ARG A 31 -16.33 5.63 -3.11
CA ARG A 31 -15.41 4.81 -2.32
C ARG A 31 -14.53 5.66 -1.41
N SER A 32 -14.39 6.95 -1.70
CA SER A 32 -13.63 7.84 -0.82
C SER A 32 -14.30 8.03 0.54
N GLU A 33 -15.55 7.60 0.70
CA GLU A 33 -16.24 7.64 1.98
C GLU A 33 -16.31 6.28 2.65
N ASP A 34 -15.74 5.24 2.05
CA ASP A 34 -15.67 3.94 2.69
C ASP A 34 -14.69 4.00 3.87
N PHE A 35 -14.82 3.02 4.77
CA PHE A 35 -14.00 3.03 5.97
C PHE A 35 -12.52 2.89 5.65
N GLU A 36 -12.18 2.05 4.68
CA GLU A 36 -10.78 1.87 4.31
C GLU A 36 -10.12 3.19 3.92
N ARG A 37 -10.83 4.02 3.17
CA ARG A 37 -10.28 5.32 2.77
C ARG A 37 -10.30 6.31 3.94
N VAL A 38 -11.43 6.37 4.66
CA VAL A 38 -11.59 7.37 5.72
C VAL A 38 -10.61 7.11 6.86
N SER A 39 -10.55 5.87 7.35
CA SER A 39 -9.71 5.57 8.50
C SER A 39 -8.23 5.76 8.17
N THR A 40 -7.83 5.39 6.95
CA THR A 40 -6.45 5.62 6.53
C THR A 40 -6.13 7.10 6.45
N GLU A 41 -7.11 7.92 6.05
CA GLU A 41 -6.89 9.36 6.00
C GLU A 41 -6.81 9.96 7.39
N VAL A 42 -7.64 9.50 8.32
CA VAL A 42 -7.53 9.94 9.70
C VAL A 42 -6.18 9.52 10.28
N LEU A 43 -5.77 8.29 10.00
CA LEU A 43 -4.47 7.82 10.46
C LEU A 43 -3.34 8.68 9.92
N LEU A 44 -3.34 8.94 8.61
CA LEU A 44 -2.23 9.66 7.99
C LEU A 44 -2.14 11.10 8.48
N LEU A 45 -3.29 11.74 8.76
CA LEU A 45 -3.24 13.08 9.36
C LEU A 45 -2.66 13.03 10.76
N GLU A 46 -3.00 12.00 11.53
CA GLU A 46 -2.40 11.83 12.85
C GLU A 46 -0.89 11.57 12.74
N LEU A 47 -0.48 10.80 11.72
CA LEU A 47 0.93 10.49 11.54
C LEU A 47 1.74 11.74 11.22
N LEU A 48 1.27 12.52 10.25
CA LEU A 48 2.02 13.71 9.83
C LEU A 48 2.11 14.73 10.96
N GLU A 49 1.05 14.85 11.77
CA GLU A 49 1.08 15.75 12.91
C GLU A 49 2.14 15.34 13.91
N THR A 50 2.40 14.03 14.03
CA THR A 50 3.42 13.55 14.96
C THR A 50 4.80 14.10 14.61
N ILE A 51 5.08 14.31 13.34
CA ILE A 51 6.38 14.87 12.95
C ILE A 51 6.22 16.33 12.55
N GLY A 52 5.23 17.00 13.14
CA GLY A 52 5.13 18.44 13.07
C GLY A 52 4.46 19.02 11.84
N LEU A 53 3.56 18.28 11.19
CA LEU A 53 2.84 18.78 10.02
C LEU A 53 1.34 18.59 10.23
N LEU A 54 0.64 19.69 10.47
CA LEU A 54 -0.81 19.69 10.60
C LEU A 54 -1.43 19.98 9.24
N LEU A 55 -2.13 19.00 8.67
CA LEU A 55 -2.75 19.14 7.37
C LEU A 55 -4.26 18.93 7.49
N SER A 56 -4.98 19.39 6.48
CA SER A 56 -6.40 19.13 6.34
C SER A 56 -6.63 17.91 5.46
N ARG A 57 -7.87 17.42 5.45
CA ARG A 57 -8.21 16.31 4.57
C ARG A 57 -8.05 16.72 3.11
N GLU A 58 -8.49 17.92 2.76
CA GLU A 58 -8.40 18.38 1.38
C GLU A 58 -6.97 18.51 0.91
N GLU A 59 -6.05 18.87 1.82
CA GLU A 59 -4.64 18.93 1.45
C GLU A 59 -4.04 17.55 1.31
N LEU A 60 -4.55 16.57 2.07
CA LEU A 60 -4.14 15.18 1.87
C LEU A 60 -4.64 14.66 0.53
N GLU A 61 -5.90 14.97 0.19
CA GLU A 61 -6.42 14.64 -1.13
C GLU A 61 -5.56 15.24 -2.23
N GLU A 62 -5.00 16.44 -1.98
CA GLU A 62 -4.12 17.06 -2.97
C GLU A 62 -2.83 16.27 -3.14
N LEU A 63 -2.25 15.78 -2.03
CA LEU A 63 -1.09 14.91 -2.12
C LEU A 63 -1.40 13.65 -2.90
N ILE A 64 -2.62 13.14 -2.79
CA ILE A 64 -3.03 11.96 -3.56
C ILE A 64 -2.95 12.24 -5.05
N LYS A 65 -3.48 13.39 -5.47
CA LYS A 65 -3.51 13.73 -6.89
C LYS A 65 -2.11 13.88 -7.44
N LEU A 66 -1.24 14.60 -6.71
CA LEU A 66 0.14 14.79 -7.17
C LEU A 66 0.88 13.47 -7.27
N LEU A 67 0.62 12.56 -6.32
CA LEU A 67 1.24 11.23 -6.38
C LEU A 67 0.78 10.47 -7.61
N GLN A 68 -0.50 10.58 -7.95
CA GLN A 68 -1.01 9.93 -9.16
C GLN A 68 -0.42 10.54 -10.43
N GLU A 69 -0.05 11.82 -10.38
CA GLU A 69 0.60 12.43 -11.54
C GLU A 69 2.03 11.93 -11.69
N GLU A 70 2.72 11.64 -10.59
CA GLU A 70 4.05 11.05 -10.69
C GLU A 70 3.98 9.61 -11.18
N TYR A 71 2.94 8.88 -10.80
CA TYR A 71 2.79 7.46 -11.12
C TYR A 71 1.37 7.25 -11.65
N PRO A 72 1.16 7.46 -12.95
CA PRO A 72 -0.21 7.38 -13.50
C PRO A 72 -0.86 6.02 -13.33
N GLU A 73 -0.10 4.95 -13.12
CA GLU A 73 -0.69 3.64 -12.94
C GLU A 73 -1.30 3.44 -11.55
N TRP A 74 -1.07 4.37 -10.62
CA TRP A 74 -1.54 4.23 -9.25
C TRP A 74 -2.98 4.70 -9.10
N THR A 75 -3.77 3.91 -8.38
CA THR A 75 -5.12 4.30 -8.01
C THR A 75 -5.07 5.29 -6.84
N PRO A 76 -6.16 6.00 -6.57
CA PRO A 76 -6.18 6.88 -5.39
C PRO A 76 -5.92 6.15 -4.09
N ASP A 77 -6.52 4.97 -3.91
CA ASP A 77 -6.25 4.15 -2.74
C ASP A 77 -4.79 3.72 -2.69
N GLN A 78 -4.22 3.36 -3.83
CA GLN A 78 -2.83 2.93 -3.89
C GLN A 78 -1.89 4.05 -3.46
N ALA A 79 -2.13 5.27 -3.96
CA ALA A 79 -1.26 6.40 -3.60
C ALA A 79 -1.39 6.73 -2.12
N LEU A 80 -2.60 6.63 -1.58
CA LEU A 80 -2.81 6.95 -0.17
C LEU A 80 -2.11 5.94 0.73
N GLN A 81 -2.21 4.65 0.40
CA GLN A 81 -1.55 3.63 1.21
C GLN A 81 -0.03 3.76 1.14
N TRP A 82 0.51 4.16 -0.01
CA TRP A 82 1.95 4.35 -0.12
C TRP A 82 2.41 5.54 0.72
N LEU A 83 1.63 6.62 0.70
CA LEU A 83 1.92 7.75 1.58
C LEU A 83 1.85 7.34 3.04
N ARG A 84 0.84 6.55 3.40
CA ARG A 84 0.72 6.07 4.78
C ARG A 84 1.92 5.23 5.17
N ASP A 85 2.29 4.26 4.33
CA ASP A 85 3.40 3.37 4.64
C ASP A 85 4.72 4.12 4.69
N THR A 86 4.93 5.06 3.74
CA THR A 86 6.15 5.85 3.74
C THR A 86 6.24 6.72 4.99
N THR A 87 5.11 7.28 5.42
CA THR A 87 5.11 8.06 6.65
C THR A 87 5.39 7.16 7.86
N GLU A 88 4.75 5.99 7.91
CA GLU A 88 4.96 5.08 9.04
C GLU A 88 6.40 4.59 9.11
N LYS A 89 6.99 4.23 7.96
CA LYS A 89 8.38 3.77 7.99
C LYS A 89 9.33 4.91 8.32
N THR A 90 8.94 6.15 8.00
CA THR A 90 9.72 7.29 8.46
C THR A 90 9.61 7.46 9.98
N ILE A 91 8.41 7.21 10.52
CA ILE A 91 8.20 7.25 11.97
C ILE A 91 9.10 6.23 12.65
N LYS A 92 9.12 4.99 12.14
CA LYS A 92 9.86 3.91 12.76
C LYS A 92 11.36 4.19 12.75
N GLU A 93 11.89 4.59 11.59
CA GLU A 93 13.32 4.86 11.49
C GLU A 93 13.73 6.05 12.35
N ALA A 94 12.84 7.04 12.50
CA ALA A 94 13.15 8.16 13.40
C ALA A 94 13.19 7.71 14.85
N ALA A 95 12.24 6.85 15.24
CA ALA A 95 12.25 6.29 16.58
C ALA A 95 13.48 5.43 16.83
N GLU A 96 13.97 4.75 15.78
CA GLU A 96 15.13 3.89 15.93
C GLU A 96 16.45 4.68 15.94
N GLN A 97 16.46 5.88 15.35
CA GLN A 97 17.66 6.71 15.31
C GLN A 97 17.69 7.78 16.39
N GLY A 98 16.62 7.92 17.16
CA GLY A 98 16.59 8.96 18.19
C GLY A 98 16.46 10.36 17.65
N TRP A 99 15.89 10.52 16.46
CA TRP A 99 15.79 11.83 15.85
C TRP A 99 14.65 12.64 16.48
N ASN A 100 14.68 13.95 16.22
CA ASN A 100 13.58 14.83 16.61
C ASN A 100 12.56 14.89 15.49
N LYS A 101 11.53 15.73 15.67
CA LYS A 101 10.48 15.84 14.67
C LYS A 101 11.00 16.42 13.37
N GLU A 102 11.90 17.40 13.45
CA GLU A 102 12.43 18.03 12.25
C GLU A 102 13.24 17.04 11.42
N GLN A 103 14.08 16.24 12.07
CA GLN A 103 14.86 15.25 11.34
C GLN A 103 13.97 14.21 10.70
N ALA A 104 12.91 13.79 11.41
CA ALA A 104 11.97 12.84 10.84
C ALA A 104 11.23 13.45 9.64
N PHE A 105 10.94 14.75 9.71
CA PHE A 105 10.30 15.43 8.60
C PHE A 105 11.23 15.51 7.40
N GLU A 106 12.51 15.75 7.63
CA GLU A 106 13.48 15.77 6.55
C GLU A 106 13.55 14.42 5.85
N LEU A 107 13.45 13.32 6.63
CA LEU A 107 13.49 11.99 6.04
C LEU A 107 12.27 11.75 5.15
N LEU A 108 11.11 12.26 5.55
CA LEU A 108 9.92 12.13 4.71
C LEU A 108 10.08 12.92 3.42
N LEU A 109 10.67 14.11 3.50
CA LEU A 109 10.86 14.92 2.29
C LEU A 109 11.78 14.23 1.30
N SER A 110 12.85 13.59 1.79
CA SER A 110 13.77 12.88 0.93
C SER A 110 13.26 11.51 0.49
N SER A 111 12.08 11.10 0.94
CA SER A 111 11.50 9.83 0.54
C SER A 111 10.36 9.98 -0.46
N VAL A 112 10.05 11.19 -0.87
CA VAL A 112 8.92 11.44 -1.76
C VAL A 112 9.45 12.16 -2.99
N PRO A 113 8.72 12.11 -4.11
CA PRO A 113 9.15 12.83 -5.31
C PRO A 113 9.32 14.32 -5.06
N GLU A 114 10.00 14.98 -6.00
CA GLU A 114 10.34 16.39 -5.84
C GLU A 114 9.10 17.26 -5.72
N LYS A 115 8.10 17.03 -6.59
CA LYS A 115 6.87 17.82 -6.52
C LYS A 115 6.10 17.56 -5.23
N ILE A 116 6.20 16.35 -4.68
CA ILE A 116 5.53 16.05 -3.42
C ILE A 116 6.19 16.81 -2.27
N ALA A 117 7.53 16.76 -2.21
CA ALA A 117 8.25 17.41 -1.12
C ALA A 117 8.04 18.91 -1.13
N GLU A 118 8.05 19.52 -2.31
CA GLU A 118 7.87 20.98 -2.38
C GLU A 118 6.49 21.40 -1.92
N TYR A 119 5.48 20.54 -2.12
CA TYR A 119 4.15 20.84 -1.61
C TYR A 119 4.09 20.64 -0.09
N LEU A 120 4.79 19.62 0.42
CA LEU A 120 4.83 19.41 1.86
C LEU A 120 5.53 20.55 2.57
N LYS A 121 6.63 21.04 1.99
CA LYS A 121 7.36 22.14 2.61
C LYS A 121 6.56 23.44 2.55
N LYS A 122 5.81 23.64 1.46
CA LYS A 122 4.94 24.81 1.37
C LYS A 122 3.90 24.81 2.47
N LEU A 123 3.19 23.69 2.65
CA LEU A 123 2.20 23.59 3.70
C LEU A 123 2.84 23.71 5.09
N LYS A 124 4.04 23.14 5.24
CA LYS A 124 4.75 23.25 6.51
C LYS A 124 5.08 24.69 6.85
N GLU A 125 5.61 25.44 5.87
CA GLU A 125 5.90 26.85 6.09
C GLU A 125 4.63 27.64 6.35
N GLU A 126 3.54 27.27 5.67
CA GLU A 126 2.29 28.01 5.84
C GLU A 126 1.73 27.85 7.26
N ARG A 127 1.82 26.64 7.82
CA ARG A 127 1.34 26.43 9.17
C ARG A 127 2.15 27.24 10.19
N GLU A 128 3.41 27.54 9.87
CA GLU A 128 4.30 28.25 10.78
C GLU A 128 4.18 29.76 10.65
N THR A 129 4.02 30.27 9.42
CA THR A 129 3.97 31.71 9.20
C THR A 129 2.56 32.28 9.31
N ASP A 130 1.54 31.49 8.99
CA ASP A 130 0.16 31.95 8.99
C ASP A 130 -0.54 31.28 10.17
N GLU A 131 -0.68 32.02 11.27
CA GLU A 131 -1.35 31.46 12.44
C GLU A 131 -2.86 31.37 12.25
N GLU A 132 -3.44 32.28 11.47
CA GLU A 132 -4.87 32.23 11.22
C GLU A 132 -5.26 30.99 10.41
N ARG A 133 -4.52 30.69 9.35
CA ARG A 133 -4.82 29.52 8.54
C ARG A 133 -4.47 28.23 9.28
N ARG A 134 -3.47 28.25 10.16
CA ARG A 134 -3.19 27.08 10.97
C ARG A 134 -4.36 26.76 11.89
N LYS A 135 -4.92 27.79 12.54
CA LYS A 135 -6.10 27.59 13.37
C LYS A 135 -7.28 27.10 12.54
N GLN A 136 -7.39 27.57 11.30
CA GLN A 136 -8.45 27.11 10.41
C GLN A 136 -8.26 25.63 10.06
N THR A 137 -7.00 25.22 9.84
CA THR A 137 -6.73 23.82 9.55
C THR A 137 -7.14 22.93 10.71
N GLU A 138 -6.75 23.32 11.93
CA GLU A 138 -7.20 22.61 13.13
C GLU A 138 -8.72 22.63 13.26
N GLU A 139 -9.36 23.72 12.82
CA GLU A 139 -10.81 23.81 12.92
C GLU A 139 -11.49 22.82 11.98
N ASP A 140 -11.02 22.73 10.73
CA ASP A 140 -11.59 21.76 9.79
C ASP A 140 -11.32 20.33 10.24
N ARG A 141 -10.20 20.10 10.95
CA ARG A 141 -9.87 18.77 11.40
C ARG A 141 -10.83 18.29 12.48
N GLU A 142 -11.13 19.15 13.46
CA GLU A 142 -12.09 18.79 14.49
C GLU A 142 -13.50 18.75 13.95
N GLU A 143 -13.81 19.59 12.97
CA GLU A 143 -15.13 19.56 12.35
C GLU A 143 -15.35 18.25 11.60
N TRP A 144 -14.35 17.79 10.85
CA TRP A 144 -14.48 16.52 10.14
C TRP A 144 -14.60 15.36 11.11
N GLU A 145 -13.84 15.40 12.20
CA GLU A 145 -13.93 14.34 13.21
C GLU A 145 -15.33 14.29 13.81
N GLU A 146 -15.90 15.46 14.14
CA GLU A 146 -17.25 15.50 14.67
C GLU A 146 -18.25 14.97 13.66
N GLU A 147 -18.02 15.23 12.37
CA GLU A 147 -18.92 14.71 11.34
C GLU A 147 -18.81 13.19 11.25
N LEU A 148 -17.59 12.66 11.39
CA LEU A 148 -17.41 11.20 11.41
C LEU A 148 -18.07 10.59 12.64
N ARG A 149 -17.97 11.26 13.79
CA ARG A 149 -18.61 10.74 15.00
C ARG A 149 -20.12 10.72 14.87
N GLU A 150 -20.71 11.69 14.16
CA GLU A 150 -22.13 11.65 13.88
C GLU A 150 -22.52 10.44 13.03
N ARG A 151 -21.58 9.90 12.27
CA ARG A 151 -21.81 8.72 11.43
C ARG A 151 -21.51 7.42 12.15
N GLY A 152 -21.16 7.46 13.43
CA GLY A 152 -20.85 6.27 14.20
C GLY A 152 -19.38 6.01 14.43
N TYR A 153 -18.49 6.86 13.92
CA TYR A 153 -17.06 6.65 14.12
C TYR A 153 -16.67 6.91 15.57
N THR A 154 -15.71 6.12 16.06
CA THR A 154 -15.07 6.36 17.33
C THR A 154 -13.57 6.52 17.07
N ILE A 155 -13.02 7.65 17.51
CA ILE A 155 -11.62 7.98 17.30
C ILE A 155 -11.02 8.24 18.67
N SER A 156 -10.27 7.27 19.19
CA SER A 156 -9.74 7.32 20.54
C SER A 156 -8.22 7.46 20.50
N ARG A 157 -7.70 8.46 21.22
CA ARG A 157 -6.28 8.72 21.31
C ARG A 157 -5.79 8.41 22.71
N GLY A 158 -4.73 7.61 22.82
CA GLY A 158 -4.14 7.30 24.10
C GLY A 158 -2.68 6.91 23.98
N GLY A 159 -1.78 7.75 24.49
CA GLY A 159 -0.37 7.48 24.39
C GLY A 159 0.37 7.50 25.70
N SER A 160 1.70 7.56 25.64
CA SER A 160 2.51 7.67 26.84
C SER A 160 2.30 9.03 27.49
N GLY A 161 2.78 10.10 26.84
CA GLY A 161 2.61 11.44 27.37
C GLY A 161 1.17 11.88 27.47
N ASP B 9 -5.67 -10.81 11.41
CA ASP B 9 -5.74 -12.26 11.45
C ASP B 9 -6.20 -12.80 10.09
N GLY B 10 -5.35 -13.61 9.47
CA GLY B 10 -5.56 -13.99 8.10
C GLY B 10 -6.23 -15.33 7.85
N THR B 11 -7.52 -15.44 8.16
CA THR B 11 -8.27 -16.64 7.82
C THR B 11 -9.73 -16.28 7.60
N ARG B 12 -10.26 -16.67 6.44
CA ARG B 12 -11.68 -16.57 6.17
C ARG B 12 -12.38 -17.78 6.78
N GLU B 13 -13.58 -17.57 7.31
CA GLU B 13 -14.27 -18.66 7.99
C GLU B 13 -15.77 -18.58 7.78
N LEU B 14 -16.37 -19.71 7.44
CA LEU B 14 -17.80 -19.93 7.50
C LEU B 14 -18.04 -21.11 8.42
N ARG B 15 -18.94 -20.93 9.39
CA ARG B 15 -19.30 -22.04 10.27
C ARG B 15 -20.81 -22.04 10.48
N TYR B 16 -21.35 -23.23 10.72
CA TYR B 16 -22.78 -23.40 10.85
C TYR B 16 -23.06 -24.61 11.73
N LYS B 17 -23.96 -24.44 12.69
CA LYS B 17 -24.41 -25.52 13.56
C LYS B 17 -25.81 -25.93 13.12
N ASN B 18 -25.96 -27.19 12.73
CA ASN B 18 -27.22 -27.71 12.20
C ASN B 18 -28.17 -28.06 13.34
N PRO B 19 -29.29 -27.35 13.48
CA PRO B 19 -30.23 -27.66 14.55
C PRO B 19 -31.07 -28.90 14.32
N PHE B 20 -31.06 -29.45 13.10
CA PHE B 20 -31.89 -30.59 12.75
C PHE B 20 -31.24 -31.92 13.12
N ASP B 21 -29.98 -32.12 12.72
CA ASP B 21 -29.28 -33.36 13.02
C ASP B 21 -28.09 -33.20 13.95
N GLY B 22 -27.80 -31.98 14.41
CA GLY B 22 -26.72 -31.75 15.34
C GLY B 22 -25.34 -31.66 14.74
N SER B 23 -25.21 -31.75 13.42
CA SER B 23 -23.89 -31.69 12.81
C SER B 23 -23.40 -30.23 12.76
N GLU B 24 -22.10 -30.08 12.51
CA GLU B 24 -21.50 -28.76 12.41
C GLU B 24 -20.44 -28.78 11.32
N ILE B 25 -20.32 -27.67 10.59
CA ILE B 25 -19.37 -27.55 9.50
C ILE B 25 -18.57 -26.27 9.69
N THR B 26 -17.25 -26.37 9.53
CA THR B 26 -16.36 -25.22 9.62
C THR B 26 -15.47 -25.19 8.39
N ILE B 27 -15.61 -24.14 7.60
CA ILE B 27 -14.92 -23.98 6.32
C ILE B 27 -13.99 -22.78 6.45
N ARG B 28 -12.69 -23.01 6.35
CA ARG B 28 -11.71 -21.95 6.50
C ARG B 28 -10.77 -21.94 5.30
N SER B 29 -10.15 -20.78 5.07
CA SER B 29 -9.23 -20.62 3.96
C SER B 29 -8.32 -19.44 4.27
N PRO B 30 -7.02 -19.54 4.02
CA PRO B 30 -6.12 -18.43 4.35
C PRO B 30 -6.32 -17.25 3.42
N ARG B 31 -6.22 -16.05 3.98
CA ARG B 31 -6.27 -14.83 3.17
C ARG B 31 -5.15 -14.79 2.14
N SER B 32 -4.04 -15.48 2.40
CA SER B 32 -2.94 -15.53 1.45
C SER B 32 -3.32 -16.20 0.13
N GLU B 33 -4.48 -16.83 0.06
CA GLU B 33 -4.97 -17.43 -1.17
C GLU B 33 -6.09 -16.61 -1.83
N ASP B 34 -6.43 -15.45 -1.26
CA ASP B 34 -7.42 -14.59 -1.88
C ASP B 34 -6.81 -13.82 -3.05
N PHE B 35 -7.68 -13.35 -3.94
CA PHE B 35 -7.21 -12.73 -5.18
C PHE B 35 -6.34 -11.52 -4.91
N GLU B 36 -6.72 -10.70 -3.92
CA GLU B 36 -5.95 -9.49 -3.63
C GLU B 36 -4.51 -9.81 -3.26
N ARG B 37 -4.27 -10.96 -2.61
CA ARG B 37 -2.92 -11.36 -2.28
C ARG B 37 -2.23 -12.07 -3.44
N VAL B 38 -2.95 -12.99 -4.09
CA VAL B 38 -2.35 -13.81 -5.14
C VAL B 38 -1.96 -12.96 -6.34
N SER B 39 -2.87 -12.10 -6.80
CA SER B 39 -2.59 -11.28 -7.98
C SER B 39 -1.46 -10.29 -7.73
N THR B 40 -1.38 -9.75 -6.51
CA THR B 40 -0.29 -8.84 -6.19
C THR B 40 1.05 -9.56 -6.20
N GLU B 41 1.08 -10.81 -5.73
CA GLU B 41 2.31 -11.59 -5.76
C GLU B 41 2.72 -11.93 -7.20
N VAL B 42 1.74 -12.26 -8.04
CA VAL B 42 2.06 -12.52 -9.44
C VAL B 42 2.55 -11.26 -10.13
N LEU B 43 1.95 -10.11 -9.80
CA LEU B 43 2.39 -8.85 -10.38
C LEU B 43 3.80 -8.48 -9.91
N LEU B 44 4.04 -8.57 -8.59
CA LEU B 44 5.34 -8.17 -8.07
C LEU B 44 6.45 -9.06 -8.60
N LEU B 45 6.19 -10.36 -8.75
CA LEU B 45 7.17 -11.25 -9.36
C LEU B 45 7.43 -10.85 -10.81
N GLU B 46 6.39 -10.43 -11.53
CA GLU B 46 6.57 -9.92 -12.88
C GLU B 46 7.35 -8.61 -12.88
N LEU B 47 7.12 -7.77 -11.87
CA LEU B 47 7.83 -6.50 -11.77
C LEU B 47 9.31 -6.71 -11.53
N LEU B 48 9.65 -7.59 -10.58
CA LEU B 48 11.04 -7.81 -10.25
C LEU B 48 11.81 -8.43 -11.41
N GLU B 49 11.16 -9.33 -12.17
CA GLU B 49 11.80 -9.90 -13.34
C GLU B 49 12.07 -8.84 -14.39
N THR B 50 11.27 -7.78 -14.42
CA THR B 50 11.48 -6.70 -15.38
C THR B 50 12.83 -6.01 -15.15
N ILE B 51 13.22 -5.87 -13.88
CA ILE B 51 14.49 -5.22 -13.56
C ILE B 51 15.56 -6.26 -13.23
N GLY B 52 15.38 -7.47 -13.75
CA GLY B 52 16.44 -8.47 -13.76
C GLY B 52 16.49 -9.42 -12.60
N LEU B 53 15.44 -9.51 -11.78
CA LEU B 53 15.44 -10.38 -10.60
C LEU B 53 14.31 -11.39 -10.73
N LEU B 54 14.67 -12.66 -10.94
CA LEU B 54 13.71 -13.77 -11.00
C LEU B 54 13.62 -14.40 -9.62
N LEU B 55 12.48 -14.24 -8.96
CA LEU B 55 12.24 -14.79 -7.63
C LEU B 55 11.10 -15.80 -7.68
N SER B 56 11.08 -16.66 -6.67
CA SER B 56 9.97 -17.59 -6.48
C SER B 56 8.94 -16.97 -5.54
N ARG B 57 7.80 -17.66 -5.42
CA ARG B 57 6.76 -17.18 -4.52
C ARG B 57 7.22 -17.20 -3.07
N GLU B 58 7.90 -18.29 -2.68
CA GLU B 58 8.33 -18.43 -1.29
C GLU B 58 9.39 -17.40 -0.92
N GLU B 59 10.27 -17.05 -1.88
CA GLU B 59 11.23 -15.98 -1.62
C GLU B 59 10.54 -14.64 -1.46
N LEU B 60 9.47 -14.41 -2.22
CA LEU B 60 8.68 -13.20 -2.04
C LEU B 60 7.99 -13.21 -0.67
N GLU B 61 7.51 -14.37 -0.23
CA GLU B 61 6.96 -14.48 1.11
C GLU B 61 8.02 -14.22 2.17
N GLU B 62 9.27 -14.56 1.89
CA GLU B 62 10.35 -14.27 2.82
C GLU B 62 10.61 -12.77 2.89
N LEU B 63 10.49 -12.07 1.76
CA LEU B 63 10.65 -10.62 1.75
C LEU B 63 9.58 -9.94 2.60
N ILE B 64 8.38 -10.52 2.64
CA ILE B 64 7.31 -9.95 3.46
C ILE B 64 7.64 -10.10 4.94
N LYS B 65 8.21 -11.25 5.33
CA LYS B 65 8.58 -11.46 6.72
C LYS B 65 9.64 -10.47 7.17
N LEU B 66 10.69 -10.32 6.36
CA LEU B 66 11.76 -9.38 6.70
C LEU B 66 11.24 -7.96 6.83
N LEU B 67 10.26 -7.59 6.00
CA LEU B 67 9.69 -6.26 6.07
C LEU B 67 8.88 -6.07 7.35
N GLN B 68 8.12 -7.10 7.74
CA GLN B 68 7.36 -7.02 8.99
C GLN B 68 8.28 -6.95 10.19
N GLU B 69 9.48 -7.52 10.11
CA GLU B 69 10.41 -7.41 11.23
C GLU B 69 11.01 -6.01 11.32
N GLU B 70 11.12 -5.31 10.19
CA GLU B 70 11.59 -3.94 10.22
C GLU B 70 10.51 -3.00 10.75
N TYR B 71 9.25 -3.28 10.42
CA TYR B 71 8.11 -2.45 10.82
C TYR B 71 7.06 -3.38 11.40
N PRO B 72 7.17 -3.69 12.70
CA PRO B 72 6.26 -4.68 13.30
C PRO B 72 4.80 -4.30 13.24
N GLU B 73 4.47 -3.02 13.04
CA GLU B 73 3.09 -2.59 12.93
C GLU B 73 2.42 -3.05 11.63
N TRP B 74 3.21 -3.50 10.64
CA TRP B 74 2.66 -3.77 9.32
C TRP B 74 2.02 -5.16 9.25
N THR B 75 0.89 -5.23 8.55
CA THR B 75 0.28 -6.50 8.23
C THR B 75 0.97 -7.14 7.03
N PRO B 76 0.76 -8.44 6.80
CA PRO B 76 1.40 -9.07 5.63
C PRO B 76 1.02 -8.43 4.30
N ASP B 77 -0.27 -8.13 4.10
CA ASP B 77 -0.67 -7.44 2.87
C ASP B 77 -0.10 -6.03 2.81
N GLN B 78 0.04 -5.37 3.96
CA GLN B 78 0.59 -4.01 3.96
C GLN B 78 2.05 -4.01 3.54
N ALA B 79 2.81 -5.03 3.96
CA ALA B 79 4.21 -5.13 3.56
C ALA B 79 4.34 -5.46 2.08
N LEU B 80 3.56 -6.42 1.60
CA LEU B 80 3.61 -6.78 0.19
C LEU B 80 3.17 -5.61 -0.68
N GLN B 81 2.16 -4.86 -0.23
CA GLN B 81 1.71 -3.71 -1.00
C GLN B 81 2.79 -2.65 -1.08
N TRP B 82 3.52 -2.40 0.01
CA TRP B 82 4.59 -1.43 -0.03
C TRP B 82 5.72 -1.88 -0.95
N LEU B 83 6.04 -3.17 -0.91
CA LEU B 83 7.07 -3.70 -1.80
C LEU B 83 6.67 -3.55 -3.26
N ARG B 84 5.39 -3.81 -3.56
CA ARG B 84 4.88 -3.61 -4.92
C ARG B 84 4.98 -2.15 -5.32
N ASP B 85 4.52 -1.25 -4.45
CA ASP B 85 4.55 0.18 -4.75
C ASP B 85 5.97 0.67 -4.96
N THR B 86 6.89 0.24 -4.09
CA THR B 86 8.28 0.67 -4.23
C THR B 86 8.89 0.16 -5.53
N THR B 87 8.54 -1.06 -5.92
CA THR B 87 9.07 -1.60 -7.17
C THR B 87 8.51 -0.85 -8.37
N GLU B 88 7.20 -0.58 -8.37
CA GLU B 88 6.60 0.19 -9.45
C GLU B 88 7.17 1.60 -9.50
N LYS B 89 7.25 2.25 -8.34
CA LYS B 89 7.88 3.57 -8.25
C LYS B 89 9.30 3.54 -8.81
N THR B 90 10.07 2.51 -8.44
CA THR B 90 11.42 2.37 -8.99
C THR B 90 11.38 2.19 -10.50
N ILE B 91 10.45 1.38 -11.00
CA ILE B 91 10.36 1.10 -12.43
C ILE B 91 10.02 2.38 -13.20
N LYS B 92 9.09 3.18 -12.66
CA LYS B 92 8.68 4.41 -13.31
C LYS B 92 9.84 5.40 -13.40
N GLU B 93 10.58 5.56 -12.30
CA GLU B 93 11.68 6.51 -12.27
C GLU B 93 12.82 6.08 -13.19
N ALA B 94 13.07 4.77 -13.27
CA ALA B 94 14.10 4.29 -14.18
C ALA B 94 13.73 4.54 -15.63
N ALA B 95 12.44 4.41 -15.96
CA ALA B 95 11.98 4.69 -17.31
C ALA B 95 12.07 6.18 -17.63
N GLU B 96 11.72 7.02 -16.66
CA GLU B 96 11.83 8.47 -16.85
C GLU B 96 13.28 8.93 -16.97
N GLN B 97 14.22 8.15 -16.44
CA GLN B 97 15.65 8.49 -16.51
C GLN B 97 16.36 7.78 -17.67
N GLY B 98 15.68 6.91 -18.40
CA GLY B 98 16.34 6.16 -19.45
C GLY B 98 17.39 5.18 -18.97
N TRP B 99 17.23 4.65 -17.75
CA TRP B 99 18.20 3.73 -17.20
C TRP B 99 18.02 2.32 -17.78
N ASN B 100 18.96 1.45 -17.46
CA ASN B 100 18.87 0.04 -17.84
C ASN B 100 18.40 -0.78 -16.63
N LYS B 101 18.46 -2.10 -16.75
CA LYS B 101 17.94 -2.97 -15.69
C LYS B 101 18.77 -2.84 -14.42
N GLU B 102 20.10 -2.87 -14.54
CA GLU B 102 20.95 -2.85 -13.36
C GLU B 102 20.84 -1.54 -12.60
N GLN B 103 20.64 -0.42 -13.31
CA GLN B 103 20.44 0.85 -12.62
C GLN B 103 19.09 0.86 -11.90
N ALA B 104 18.07 0.27 -12.51
CA ALA B 104 16.76 0.20 -11.85
C ALA B 104 16.83 -0.68 -10.61
N PHE B 105 17.49 -1.84 -10.71
CA PHE B 105 17.64 -2.71 -9.55
C PHE B 105 18.47 -2.03 -8.47
N GLU B 106 19.46 -1.23 -8.88
CA GLU B 106 20.26 -0.48 -7.92
C GLU B 106 19.41 0.55 -7.18
N LEU B 107 18.46 1.16 -7.88
CA LEU B 107 17.55 2.10 -7.22
C LEU B 107 16.65 1.38 -6.22
N LEU B 108 16.25 0.15 -6.54
CA LEU B 108 15.41 -0.61 -5.61
C LEU B 108 16.18 -0.95 -4.34
N LEU B 109 17.46 -1.33 -4.47
CA LEU B 109 18.27 -1.66 -3.30
C LEU B 109 18.38 -0.47 -2.35
N SER B 110 18.56 0.73 -2.89
CA SER B 110 18.68 1.93 -2.07
C SER B 110 17.34 2.43 -1.54
N SER B 111 16.22 1.85 -1.98
CA SER B 111 14.89 2.26 -1.53
C SER B 111 14.33 1.35 -0.46
N VAL B 112 15.07 0.33 -0.02
CA VAL B 112 14.58 -0.64 0.95
C VAL B 112 15.55 -0.67 2.13
N PRO B 113 15.10 -1.16 3.29
CA PRO B 113 16.01 -1.31 4.43
C PRO B 113 17.20 -2.19 4.10
N GLU B 114 18.24 -2.05 4.93
CA GLU B 114 19.50 -2.76 4.69
C GLU B 114 19.31 -4.26 4.60
N LYS B 115 18.56 -4.84 5.55
CA LYS B 115 18.36 -6.28 5.54
C LYS B 115 17.58 -6.74 4.32
N ILE B 116 16.64 -5.92 3.84
CA ILE B 116 15.90 -6.25 2.63
C ILE B 116 16.84 -6.25 1.42
N ALA B 117 17.72 -5.24 1.33
CA ALA B 117 18.61 -5.15 0.18
C ALA B 117 19.62 -6.29 0.16
N GLU B 118 20.12 -6.68 1.34
CA GLU B 118 21.09 -7.77 1.40
C GLU B 118 20.46 -9.09 0.95
N TYR B 119 19.18 -9.30 1.27
CA TYR B 119 18.50 -10.49 0.80
C TYR B 119 18.25 -10.43 -0.70
N LEU B 120 17.93 -9.24 -1.22
CA LEU B 120 17.75 -9.10 -2.67
C LEU B 120 19.05 -9.35 -3.41
N LYS B 121 20.17 -8.81 -2.91
CA LYS B 121 21.46 -9.03 -3.54
C LYS B 121 21.86 -10.50 -3.51
N LYS B 122 21.63 -11.15 -2.36
CA LYS B 122 21.95 -12.57 -2.24
C LYS B 122 21.14 -13.41 -3.22
N LEU B 123 19.85 -13.10 -3.37
CA LEU B 123 19.01 -13.86 -4.30
C LEU B 123 19.45 -13.64 -5.74
N LYS B 124 19.78 -12.40 -6.10
CA LYS B 124 20.22 -12.14 -7.47
C LYS B 124 21.57 -12.80 -7.75
N GLU B 125 22.45 -12.84 -6.75
CA GLU B 125 23.71 -13.57 -6.92
C GLU B 125 23.44 -15.07 -7.08
N GLU B 126 22.50 -15.61 -6.30
CA GLU B 126 22.18 -17.03 -6.42
C GLU B 126 21.67 -17.36 -7.82
N ARG B 127 20.80 -16.51 -8.37
CA ARG B 127 20.30 -16.74 -9.72
C ARG B 127 21.43 -16.78 -10.74
N GLU B 128 22.49 -15.99 -10.51
CA GLU B 128 23.57 -15.89 -11.49
C GLU B 128 24.66 -16.92 -11.29
N THR B 129 24.83 -17.45 -10.08
CA THR B 129 25.89 -18.40 -9.81
C THR B 129 25.43 -19.85 -9.89
N ASP B 130 24.15 -20.12 -9.66
CA ASP B 130 23.62 -21.47 -9.65
C ASP B 130 22.65 -21.62 -10.82
N GLU B 131 23.03 -22.42 -11.81
CA GLU B 131 22.15 -22.68 -12.93
C GLU B 131 21.02 -23.63 -12.54
N GLU B 132 21.31 -24.59 -11.66
CA GLU B 132 20.29 -25.51 -11.19
C GLU B 132 19.22 -24.78 -10.38
N ARG B 133 19.63 -23.82 -9.57
CA ARG B 133 18.67 -23.08 -8.74
C ARG B 133 17.80 -22.17 -9.58
N ARG B 134 18.38 -21.51 -10.59
CA ARG B 134 17.60 -20.59 -11.43
C ARG B 134 16.55 -21.34 -12.23
N LYS B 135 16.95 -22.43 -12.90
CA LYS B 135 15.99 -23.20 -13.68
C LYS B 135 14.90 -23.78 -12.79
N GLN B 136 15.23 -24.13 -11.55
CA GLN B 136 14.21 -24.61 -10.62
C GLN B 136 13.26 -23.50 -10.21
N THR B 137 13.78 -22.28 -10.04
CA THR B 137 12.91 -21.14 -9.74
C THR B 137 11.94 -20.89 -10.90
N GLU B 138 12.45 -20.94 -12.13
CA GLU B 138 11.59 -20.78 -13.30
C GLU B 138 10.53 -21.88 -13.37
N GLU B 139 10.89 -23.10 -12.96
CA GLU B 139 9.94 -24.20 -13.00
C GLU B 139 8.84 -24.02 -11.96
N ASP B 140 9.21 -23.64 -10.73
CA ASP B 140 8.20 -23.43 -9.70
C ASP B 140 7.28 -22.25 -10.02
N ARG B 141 7.82 -21.23 -10.67
CA ARG B 141 7.00 -20.09 -11.09
C ARG B 141 5.95 -20.52 -12.11
N GLU B 142 6.39 -21.25 -13.14
CA GLU B 142 5.47 -21.69 -14.18
C GLU B 142 4.49 -22.74 -13.67
N GLU B 143 4.89 -23.56 -12.70
CA GLU B 143 3.97 -24.53 -12.12
C GLU B 143 2.90 -23.83 -11.30
N TRP B 144 3.29 -22.83 -10.49
CA TRP B 144 2.31 -22.12 -9.69
C TRP B 144 1.29 -21.41 -10.56
N GLU B 145 1.75 -20.80 -11.67
CA GLU B 145 0.82 -20.15 -12.58
C GLU B 145 -0.11 -21.14 -13.24
N GLU B 146 0.37 -22.36 -13.49
CA GLU B 146 -0.53 -23.39 -14.00
C GLU B 146 -1.54 -23.82 -12.94
N GLU B 147 -1.12 -23.88 -11.68
CA GLU B 147 -2.05 -24.20 -10.60
C GLU B 147 -3.08 -23.09 -10.41
N LEU B 148 -2.67 -21.83 -10.56
CA LEU B 148 -3.64 -20.74 -10.54
C LEU B 148 -4.58 -20.83 -11.73
N ARG B 149 -4.07 -21.25 -12.89
CA ARG B 149 -4.89 -21.41 -14.07
C ARG B 149 -5.93 -22.50 -13.88
N GLU B 150 -5.56 -23.60 -13.22
CA GLU B 150 -6.50 -24.65 -12.87
C GLU B 150 -7.60 -24.16 -11.94
N ARG B 151 -7.33 -23.09 -11.19
CA ARG B 151 -8.32 -22.49 -10.29
C ARG B 151 -9.18 -21.44 -10.97
N GLY B 152 -8.98 -21.19 -12.26
CA GLY B 152 -9.78 -20.25 -13.00
C GLY B 152 -9.07 -18.96 -13.37
N TYR B 153 -7.82 -18.77 -12.97
CA TYR B 153 -7.11 -17.54 -13.27
C TYR B 153 -6.76 -17.45 -14.76
N THR B 154 -6.64 -16.23 -15.25
CA THR B 154 -6.07 -15.92 -16.54
C THR B 154 -4.95 -14.92 -16.34
N ILE B 155 -3.77 -15.22 -16.89
CA ILE B 155 -2.57 -14.39 -16.72
C ILE B 155 -2.07 -14.06 -18.12
N SER B 156 -2.51 -12.93 -18.67
CA SER B 156 -2.18 -12.53 -20.03
C SER B 156 -1.01 -11.55 -20.01
N ARG B 157 -0.05 -11.78 -20.91
CA ARG B 157 1.11 -10.92 -21.06
C ARG B 157 1.16 -10.37 -22.47
N GLY B 158 1.22 -9.04 -22.59
CA GLY B 158 1.31 -8.38 -23.87
C GLY B 158 2.34 -7.27 -23.88
N GLY B 159 2.03 -6.18 -24.57
CA GLY B 159 2.93 -5.04 -24.65
C GLY B 159 3.79 -5.07 -25.89
N SER B 160 4.69 -4.10 -25.97
CA SER B 160 5.62 -4.02 -27.08
C SER B 160 6.67 -5.12 -26.97
N GLY B 161 7.09 -5.65 -28.11
CA GLY B 161 8.05 -6.73 -28.15
C GLY B 161 7.43 -8.05 -28.60
S SCN C . -36.21 -9.84 -8.35
C SCN C . -36.81 -9.92 -9.87
N SCN C . -37.23 -9.98 -10.96
K K D . -3.92 13.60 -10.41
K K E . 11.24 7.03 4.91
S SCN F . -2.11 6.35 -17.68
C SCN F . -3.70 5.92 -17.64
N SCN F . -4.83 5.62 -17.63
S SCN G . 11.00 16.13 18.88
C SCN G . 10.86 17.75 18.67
N SCN G . 10.76 18.91 18.52
S SCN H . 16.00 16.56 0.90
C SCN H . 14.81 17.48 0.24
N SCN H . 13.96 18.14 -0.22
S SCN I . 18.80 17.57 4.68
C SCN I . 20.10 17.60 5.69
N SCN I . 21.02 17.63 6.41
S SCN J . 10.58 22.10 5.77
C SCN J . 9.65 23.40 5.40
N SCN J . 8.98 24.33 5.14
S SCN K . -25.47 5.74 14.02
C SCN K . -26.00 6.67 12.77
N SCN K . -26.39 7.34 11.89
S SCN L . -3.56 -3.00 1.62
C SCN L . -4.33 -1.98 2.66
N SCN L . -4.88 -1.26 3.40
S SCN M . -30.68 -22.31 14.19
C SCN M . -30.80 -21.52 12.76
N SCN M . -30.88 -20.96 11.74
S SCN N . 0.86 -19.51 4.63
C SCN N . 1.55 -18.10 4.11
N SCN N . 2.04 -17.11 3.74
S SCN O . 23.44 -0.70 11.62
C SCN O . 24.33 -1.69 10.65
N SCN O . 24.97 -2.40 9.98
#